data_8SDV
#
_entry.id   8SDV
#
_cell.length_a   44.685
_cell.length_b   71.765
_cell.length_c   104.784
_cell.angle_alpha   90.000
_cell.angle_beta   90.000
_cell.angle_gamma   90.000
#
_symmetry.space_group_name_H-M   'P 21 21 21'
#
loop_
_entity.id
_entity.type
_entity.pdbx_description
1 polymer Beta-lactamase
2 non-polymer IMIDAZOLE
3 non-polymer '1-{(2R)-2-(dihydroxyboranyl)-2-[(thiophen-2-ylacetyl)amino]ethyl}-1H-1,2,3-triazole-4-carboxylic acid'
4 non-polymer 'DIMETHYL SULFOXIDE'
5 water water
#
_entity_poly.entity_id   1
_entity_poly.type   'polypeptide(L)'
_entity_poly.pdbx_seq_one_letter_code
;MRDTRFPCLCGIAASTLLFATTPAIAGEAPADRLKALVDAAVQPVMKANDIPGLAVAISLKGEPHYFSYGLASKEDGRRV
TPETLFEIGSVSKTFTATLAGYALAQDKMRLDDRASQHWPALQGSRFDGISLLDLATYTAGGLPLQFPDSVQKDQAQIRD
YYRQWQPTYAPGSQRLYSNPSIGLFGYLAARSLGQPFERLMEQQVFPALGLEQTHLDVPEAALAQYAQGYGKDDRPLRVG
PGPLDAEGHGVKTSAADLLRFVDANLHPERLDRPWAQALDATHRGYYKVGDMTQGLGWEAYDWPISLKRLQAGNSTPMAL
QPHRIARLPAPQALEGQRLLNKTGSTNGFGAYVAFVPGRDLGLVILANRNYPNAERVKIAYAILSGLEQQGKVPLKR
;
_entity_poly.pdbx_strand_id   A
#
loop_
_chem_comp.id
_chem_comp.type
_chem_comp.name
_chem_comp.formula
DMS non-polymer 'DIMETHYL SULFOXIDE' 'C2 H6 O S'
IMD non-polymer IMIDAZOLE 'C3 H5 N2 1'
ZXM non-polymer '1-{(2R)-2-(dihydroxyboranyl)-2-[(thiophen-2-ylacetyl)amino]ethyl}-1H-1,2,3-triazole-4-carboxylic acid' 'C11 H13 B N4 O5 S'
#
# COMPACT_ATOMS: atom_id res chain seq x y z
N ALA A 29 -25.22 -24.68 2.98
CA ALA A 29 -24.99 -23.61 4.01
C ALA A 29 -24.09 -22.53 3.42
N PRO A 30 -24.39 -21.24 3.67
CA PRO A 30 -23.56 -20.14 3.21
C PRO A 30 -22.09 -20.29 3.62
N ALA A 31 -21.80 -20.75 4.84
CA ALA A 31 -20.38 -20.89 5.26
C ALA A 31 -19.68 -21.95 4.39
N ASP A 32 -20.36 -23.05 4.03
CA ASP A 32 -19.76 -24.08 3.16
C ASP A 32 -19.54 -23.48 1.78
N ARG A 33 -20.48 -22.66 1.27
CA ARG A 33 -20.33 -22.06 -0.08
CA ARG A 33 -20.33 -22.06 -0.08
C ARG A 33 -19.13 -21.11 -0.09
N LEU A 34 -18.98 -20.30 0.95
CA LEU A 34 -17.87 -19.30 1.05
CA LEU A 34 -17.87 -19.31 0.98
C LEU A 34 -16.54 -20.06 1.09
N LYS A 35 -16.46 -21.08 1.93
CA LYS A 35 -15.17 -21.81 2.04
CA LYS A 35 -15.22 -21.89 2.06
C LYS A 35 -14.87 -22.47 0.69
N ALA A 36 -15.87 -23.01 0.00
CA ALA A 36 -15.60 -23.66 -1.30
C ALA A 36 -15.10 -22.61 -2.31
N LEU A 37 -15.70 -21.42 -2.32
CA LEU A 37 -15.31 -20.30 -3.23
C LEU A 37 -13.85 -19.92 -2.97
N VAL A 38 -13.50 -19.73 -1.71
CA VAL A 38 -12.16 -19.24 -1.38
C VAL A 38 -11.14 -20.35 -1.64
N ASP A 39 -11.44 -21.58 -1.23
CA ASP A 39 -10.54 -22.73 -1.51
C ASP A 39 -10.28 -22.85 -3.02
N ALA A 40 -11.32 -22.76 -3.84
CA ALA A 40 -11.19 -22.96 -5.30
C ALA A 40 -10.33 -21.84 -5.88
N ALA A 41 -10.40 -20.63 -5.32
CA ALA A 41 -9.60 -19.49 -5.84
C ALA A 41 -8.14 -19.63 -5.37
N VAL A 42 -7.92 -20.05 -4.14
CA VAL A 42 -6.58 -20.00 -3.48
C VAL A 42 -5.75 -21.24 -3.82
N GLN A 43 -6.32 -22.43 -3.65
CA GLN A 43 -5.51 -23.65 -3.62
C GLN A 43 -4.74 -23.86 -4.92
N PRO A 44 -5.34 -23.73 -6.13
CA PRO A 44 -4.59 -23.95 -7.35
C PRO A 44 -3.45 -22.94 -7.52
N VAL A 45 -3.68 -21.71 -7.09
CA VAL A 45 -2.66 -20.62 -7.19
C VAL A 45 -1.51 -20.88 -6.21
N MET A 46 -1.78 -21.34 -5.00
CA MET A 46 -0.70 -21.74 -4.08
C MET A 46 0.14 -22.87 -4.68
N LYS A 47 -0.51 -23.82 -5.36
CA LYS A 47 0.23 -24.95 -5.98
C LYS A 47 1.08 -24.42 -7.13
N ALA A 48 0.47 -23.65 -8.00
CA ALA A 48 1.11 -23.19 -9.25
C ALA A 48 2.29 -22.25 -8.95
N ASN A 49 2.27 -21.53 -7.82
CA ASN A 49 3.32 -20.54 -7.49
C ASN A 49 4.16 -21.02 -6.31
N ASP A 50 4.01 -22.27 -5.88
CA ASP A 50 4.76 -22.85 -4.74
C ASP A 50 4.74 -21.88 -3.55
N ILE A 51 3.56 -21.43 -3.16
CA ILE A 51 3.41 -20.50 -2.01
C ILE A 51 3.34 -21.32 -0.73
N PRO A 52 4.26 -21.18 0.23
CA PRO A 52 4.17 -22.02 1.42
C PRO A 52 2.94 -21.75 2.31
N GLY A 53 2.63 -20.48 2.47
CA GLY A 53 1.58 -20.02 3.39
C GLY A 53 0.85 -18.79 2.85
N LEU A 54 -0.44 -18.73 3.15
CA LEU A 54 -1.29 -17.65 2.59
C LEU A 54 -2.48 -17.47 3.51
N ALA A 55 -2.74 -16.21 3.88
CA ALA A 55 -3.90 -15.82 4.71
C ALA A 55 -4.84 -14.96 3.89
N VAL A 56 -6.12 -15.31 3.94
CA VAL A 56 -7.20 -14.51 3.35
C VAL A 56 -8.05 -13.94 4.47
N ALA A 57 -8.42 -12.68 4.35
CA ALA A 57 -9.47 -12.10 5.17
C ALA A 57 -10.44 -11.38 4.26
N ILE A 58 -11.72 -11.58 4.52
CA ILE A 58 -12.83 -11.00 3.73
C ILE A 58 -13.75 -10.23 4.66
N SER A 59 -14.13 -9.02 4.27
CA SER A 59 -15.19 -8.24 4.94
C SER A 59 -16.39 -8.26 4.00
N LEU A 60 -17.50 -8.83 4.46
CA LEU A 60 -18.71 -8.99 3.62
C LEU A 60 -19.91 -8.49 4.43
N LYS A 61 -20.47 -7.34 4.05
CA LYS A 61 -21.70 -6.78 4.68
C LYS A 61 -21.51 -6.70 6.20
N GLY A 62 -20.35 -6.20 6.62
CA GLY A 62 -20.06 -5.91 8.03
C GLY A 62 -19.58 -7.10 8.83
N GLU A 63 -19.30 -8.23 8.19
CA GLU A 63 -18.83 -9.42 8.91
C GLU A 63 -17.49 -9.86 8.33
N PRO A 64 -16.52 -10.17 9.20
CA PRO A 64 -15.23 -10.70 8.78
C PRO A 64 -15.25 -12.23 8.64
N HIS A 65 -14.50 -12.72 7.67
CA HIS A 65 -14.32 -14.16 7.43
C HIS A 65 -12.83 -14.40 7.19
N TYR A 66 -12.28 -15.43 7.78
CA TYR A 66 -10.85 -15.74 7.65
C TYR A 66 -10.64 -17.13 7.12
N PHE A 67 -9.66 -17.27 6.23
CA PHE A 67 -9.24 -18.57 5.67
C PHE A 67 -7.73 -18.57 5.67
N SER A 68 -7.12 -19.55 6.29
CA SER A 68 -5.67 -19.68 6.44
C SER A 68 -5.18 -20.96 5.79
N TYR A 69 -4.08 -20.87 5.07
CA TYR A 69 -3.54 -21.99 4.28
C TYR A 69 -2.05 -22.16 4.55
N GLY A 70 -1.63 -23.38 4.79
CA GLY A 70 -0.21 -23.74 4.73
C GLY A 70 0.60 -23.19 5.86
N LEU A 71 1.88 -22.95 5.55
CA LEU A 71 2.92 -22.81 6.59
C LEU A 71 3.47 -21.38 6.61
N ALA A 72 3.54 -20.82 7.81
CA ALA A 72 4.24 -19.54 8.05
C ALA A 72 5.76 -19.78 7.99
N SER A 73 6.20 -20.96 8.43
CA SER A 73 7.61 -21.40 8.35
C SER A 73 7.66 -22.85 7.94
N LYS A 74 8.26 -23.13 6.79
CA LYS A 74 8.48 -24.53 6.37
C LYS A 74 9.45 -25.21 7.33
N GLU A 75 10.43 -24.48 7.86
CA GLU A 75 11.50 -25.10 8.68
C GLU A 75 10.91 -25.58 10.01
N ASP A 76 10.04 -24.81 10.65
CA ASP A 76 9.55 -25.18 12.01
C ASP A 76 8.10 -25.67 11.98
N GLY A 77 7.47 -25.73 10.81
CA GLY A 77 6.09 -26.27 10.69
C GLY A 77 5.04 -25.36 11.31
N ARG A 78 5.33 -24.10 11.61
CA ARG A 78 4.32 -23.15 12.16
C ARG A 78 3.28 -22.90 11.05
N ARG A 79 2.00 -23.09 11.35
CA ARG A 79 0.89 -22.89 10.40
C ARG A 79 0.55 -21.40 10.33
N VAL A 80 0.12 -20.96 9.17
CA VAL A 80 -0.51 -19.62 9.01
C VAL A 80 -1.84 -19.57 9.78
N THR A 81 -2.06 -18.45 10.45
CA THR A 81 -3.32 -18.09 11.11
C THR A 81 -3.69 -16.67 10.74
N PRO A 82 -4.89 -16.18 11.11
CA PRO A 82 -5.24 -14.78 10.85
C PRO A 82 -4.39 -13.78 11.63
N GLU A 83 -3.59 -14.25 12.57
CA GLU A 83 -2.70 -13.40 13.41
C GLU A 83 -1.25 -13.48 12.93
N THR A 84 -0.92 -14.36 11.99
CA THR A 84 0.44 -14.44 11.43
C THR A 84 0.83 -13.06 10.89
N LEU A 85 2.04 -12.59 11.20
CA LEU A 85 2.52 -11.31 10.62
C LEU A 85 3.23 -11.58 9.29
N PHE A 86 2.86 -10.86 8.25
CA PHE A 86 3.49 -10.89 6.94
C PHE A 86 4.07 -9.52 6.62
N GLU A 87 5.15 -9.49 5.86
CA GLU A 87 5.58 -8.22 5.22
C GLU A 87 4.58 -7.90 4.12
N ILE A 88 4.11 -6.66 4.06
CA ILE A 88 3.12 -6.30 3.01
C ILE A 88 3.73 -5.37 1.97
N GLY A 89 5.04 -5.09 2.06
CA GLY A 89 5.76 -4.31 1.05
C GLY A 89 4.99 -3.04 0.72
N SER A 90 4.78 -2.77 -0.56
CA SER A 90 4.21 -1.50 -1.03
C SER A 90 2.76 -1.30 -0.62
N VAL A 91 2.05 -2.25 -0.02
CA VAL A 91 0.74 -1.91 0.58
C VAL A 91 0.98 -0.85 1.67
N SER A 92 2.19 -0.82 2.22
CA SER A 92 2.60 0.21 3.21
C SER A 92 2.32 1.61 2.68
N LYS A 93 2.37 1.81 1.36
CA LYS A 93 2.15 3.15 0.77
C LYS A 93 0.75 3.66 1.09
N THR A 94 -0.22 2.79 1.35
CA THR A 94 -1.59 3.25 1.73
C THR A 94 -1.59 3.77 3.17
N PHE A 95 -0.75 3.18 4.02
CA PHE A 95 -0.57 3.70 5.40
C PHE A 95 0.17 5.04 5.35
N THR A 96 1.21 5.16 4.55
CA THR A 96 1.93 6.44 4.34
C THR A 96 0.94 7.50 3.87
N ALA A 97 0.12 7.16 2.90
CA ALA A 97 -0.89 8.10 2.37
C ALA A 97 -1.84 8.53 3.48
N THR A 98 -2.18 7.63 4.41
CA THR A 98 -3.13 7.94 5.51
C THR A 98 -2.48 8.94 6.49
N LEU A 99 -1.20 8.79 6.76
CA LEU A 99 -0.51 9.80 7.61
CA LEU A 99 -0.46 9.78 7.59
C LEU A 99 -0.49 11.13 6.87
N ALA A 100 -0.21 11.14 5.57
CA ALA A 100 -0.26 12.39 4.81
C ALA A 100 -1.69 12.96 4.85
N GLY A 101 -2.73 12.14 4.74
CA GLY A 101 -4.12 12.58 4.88
C GLY A 101 -4.37 13.26 6.21
N TYR A 102 -3.73 12.79 7.26
CA TYR A 102 -3.86 13.43 8.59
C TYR A 102 -3.17 14.79 8.62
N ALA A 103 -1.97 14.91 8.03
CA ALA A 103 -1.27 16.21 7.92
C ALA A 103 -2.13 17.17 7.11
N LEU A 104 -2.72 16.73 5.99
CA LEU A 104 -3.64 17.56 5.19
C LEU A 104 -4.83 17.99 6.05
N ALA A 105 -5.46 17.08 6.81
CA ALA A 105 -6.65 17.41 7.64
C ALA A 105 -6.29 18.44 8.73
N GLN A 106 -5.03 18.44 9.21
CA GLN A 106 -4.55 19.33 10.30
CA GLN A 106 -4.58 19.33 10.31
C GLN A 106 -4.02 20.65 9.73
N ASP A 107 -4.16 20.86 8.41
CA ASP A 107 -3.69 22.06 7.69
C ASP A 107 -2.18 22.25 7.88
N LYS A 108 -1.41 21.16 8.00
CA LYS A 108 0.05 21.27 8.20
C LYS A 108 0.80 21.23 6.86
N MET A 109 0.13 20.80 5.79
CA MET A 109 0.69 20.79 4.43
C MET A 109 -0.49 20.87 3.48
N ARG A 110 -0.20 21.22 2.25
CA ARG A 110 -1.15 21.17 1.12
C ARG A 110 -0.48 20.41 -0.02
N LEU A 111 -1.29 19.77 -0.85
CA LEU A 111 -0.74 18.94 -1.96
C LEU A 111 0.00 19.82 -2.96
N ASP A 112 -0.35 21.10 -3.13
CA ASP A 112 0.34 21.94 -4.14
CA ASP A 112 0.29 22.01 -4.11
C ASP A 112 1.55 22.65 -3.50
N ASP A 113 1.86 22.39 -2.23
CA ASP A 113 3.13 22.90 -1.65
C ASP A 113 4.30 22.34 -2.46
N ARG A 114 5.34 23.14 -2.69
N ARG A 114 5.33 23.15 -2.67
CA ARG A 114 6.62 22.63 -3.26
CA ARG A 114 6.64 22.66 -3.16
C ARG A 114 7.35 21.84 -2.16
C ARG A 114 7.27 21.78 -2.09
N ALA A 115 7.98 20.72 -2.52
CA ALA A 115 8.60 19.78 -1.58
C ALA A 115 9.59 20.55 -0.69
N SER A 116 10.33 21.51 -1.26
CA SER A 116 11.37 22.20 -0.48
C SER A 116 10.78 23.12 0.59
N GLN A 117 9.49 23.38 0.60
CA GLN A 117 8.85 24.17 1.67
C GLN A 117 8.85 23.39 2.98
N HIS A 118 9.06 22.07 2.94
CA HIS A 118 8.96 21.21 4.13
C HIS A 118 10.31 20.64 4.58
N TRP A 119 11.41 20.96 3.89
CA TRP A 119 12.74 20.44 4.25
C TRP A 119 13.78 21.43 3.76
N PRO A 120 14.36 22.26 4.65
CA PRO A 120 15.25 23.31 4.17
C PRO A 120 16.44 22.79 3.36
N ALA A 121 16.93 21.60 3.67
CA ALA A 121 18.03 20.99 2.91
C ALA A 121 17.69 20.90 1.41
N LEU A 122 16.42 20.86 1.04
CA LEU A 122 16.00 20.77 -0.37
C LEU A 122 15.85 22.14 -1.05
N GLN A 123 15.91 23.24 -0.29
CA GLN A 123 15.87 24.58 -0.92
C GLN A 123 17.06 24.75 -1.85
N GLY A 124 16.82 25.27 -3.05
CA GLY A 124 17.87 25.44 -4.07
C GLY A 124 18.02 24.24 -4.96
N SER A 125 17.33 23.14 -4.66
CA SER A 125 17.40 21.91 -5.48
C SER A 125 16.21 21.91 -6.43
N ARG A 126 16.13 20.92 -7.30
CA ARG A 126 14.99 20.80 -8.23
C ARG A 126 13.69 20.55 -7.47
N PHE A 127 13.74 20.19 -6.20
CA PHE A 127 12.52 20.05 -5.37
C PHE A 127 11.85 21.38 -5.05
N ASP A 128 12.48 22.50 -5.44
CA ASP A 128 11.78 23.80 -5.43
C ASP A 128 10.66 23.81 -6.48
N GLY A 129 10.72 22.94 -7.49
CA GLY A 129 9.76 22.93 -8.61
C GLY A 129 8.87 21.71 -8.65
N ILE A 130 8.85 20.92 -7.58
CA ILE A 130 8.11 19.63 -7.52
C ILE A 130 7.12 19.73 -6.35
N SER A 131 5.86 19.38 -6.58
CA SER A 131 4.80 19.47 -5.56
C SER A 131 4.75 18.20 -4.71
N LEU A 132 4.14 18.30 -3.55
CA LEU A 132 3.84 17.10 -2.75
C LEU A 132 2.96 16.15 -3.56
N LEU A 133 1.99 16.65 -4.29
CA LEU A 133 1.14 15.77 -5.13
C LEU A 133 2.01 15.00 -6.13
N ASP A 134 2.97 15.66 -6.77
CA ASP A 134 3.87 14.99 -7.73
C ASP A 134 4.58 13.83 -7.03
N LEU A 135 5.08 14.05 -5.81
CA LEU A 135 5.82 12.98 -5.11
C LEU A 135 4.85 11.84 -4.79
N ALA A 136 3.68 12.16 -4.26
CA ALA A 136 2.71 11.14 -3.80
C ALA A 136 2.27 10.26 -4.97
N THR A 137 2.14 10.81 -6.15
CA THR A 137 1.54 10.12 -7.32
C THR A 137 2.57 9.85 -8.40
N TYR A 138 3.85 9.88 -8.08
CA TYR A 138 4.94 9.32 -8.91
C TYR A 138 5.13 10.14 -10.18
N THR A 139 4.81 11.45 -10.16
CA THR A 139 4.91 12.34 -11.34
C THR A 139 5.97 13.43 -11.14
N ALA A 140 6.95 13.25 -10.26
CA ALA A 140 7.96 14.30 -10.04
C ALA A 140 8.93 14.43 -11.22
N GLY A 141 8.96 13.49 -12.16
CA GLY A 141 9.81 13.62 -13.38
C GLY A 141 10.85 12.53 -13.49
N GLY A 142 10.55 11.31 -13.06
CA GLY A 142 11.45 10.17 -13.32
C GLY A 142 12.23 9.69 -12.12
N LEU A 143 11.81 10.00 -10.89
CA LEU A 143 12.43 9.36 -9.73
C LEU A 143 12.28 7.87 -9.94
N PRO A 144 13.34 7.07 -9.76
CA PRO A 144 13.31 5.68 -10.15
C PRO A 144 12.55 4.76 -9.19
N LEU A 145 12.35 3.52 -9.60
CA LEU A 145 11.59 2.54 -8.78
C LEU A 145 12.18 2.51 -7.38
N GLN A 146 13.49 2.30 -7.32
CA GLN A 146 14.22 2.16 -6.04
CA GLN A 146 14.23 2.14 -6.05
C GLN A 146 15.27 3.25 -5.93
N PHE A 147 15.65 3.57 -4.70
CA PHE A 147 16.90 4.32 -4.54
C PHE A 147 18.00 3.50 -5.17
N PRO A 148 19.01 4.16 -5.79
CA PRO A 148 20.15 3.43 -6.33
C PRO A 148 20.87 2.72 -5.18
N ASP A 149 21.62 1.68 -5.54
CA ASP A 149 22.37 0.85 -4.56
C ASP A 149 23.38 1.73 -3.78
N SER A 150 23.84 2.83 -4.38
CA SER A 150 24.83 3.75 -3.75
C SER A 150 24.19 4.51 -2.58
N VAL A 151 22.87 4.50 -2.42
CA VAL A 151 22.21 5.22 -1.29
C VAL A 151 21.82 4.22 -0.21
N GLN A 152 22.53 4.25 0.91
CA GLN A 152 22.27 3.36 2.04
C GLN A 152 21.19 4.00 2.92
N LYS A 153 20.69 3.24 3.90
CA LYS A 153 19.73 3.78 4.90
C LYS A 153 20.50 4.69 5.83
N ASP A 154 20.67 5.94 5.42
CA ASP A 154 21.52 6.91 6.13
C ASP A 154 20.97 8.28 5.81
N GLN A 155 20.70 9.09 6.83
CA GLN A 155 20.00 10.38 6.65
C GLN A 155 20.79 11.28 5.68
N ALA A 156 22.10 11.38 5.84
CA ALA A 156 22.94 12.25 4.98
C ALA A 156 22.91 11.75 3.53
N GLN A 157 23.04 10.45 3.29
CA GLN A 157 23.04 9.92 1.90
C GLN A 157 21.68 10.21 1.24
N ILE A 158 20.58 10.09 1.98
CA ILE A 158 19.23 10.35 1.42
C ILE A 158 19.10 11.84 1.08
N ARG A 159 19.48 12.72 2.00
CA ARG A 159 19.47 14.18 1.81
C ARG A 159 20.25 14.51 0.54
N ASP A 160 21.44 13.96 0.43
CA ASP A 160 22.35 14.33 -0.68
C ASP A 160 21.80 13.78 -2.00
N TYR A 161 21.17 12.61 -1.96
CA TYR A 161 20.57 12.03 -3.18
C TYR A 161 19.51 12.99 -3.72
N TYR A 162 18.59 13.44 -2.87
CA TYR A 162 17.54 14.35 -3.37
C TYR A 162 18.12 15.70 -3.79
N ARG A 163 19.12 16.22 -3.06
CA ARG A 163 19.69 17.55 -3.41
C ARG A 163 20.21 17.53 -4.85
N GLN A 164 20.80 16.41 -5.28
CA GLN A 164 21.49 16.36 -6.59
C GLN A 164 20.57 15.88 -7.72
N TRP A 165 19.39 15.36 -7.40
CA TRP A 165 18.52 14.71 -8.42
C TRP A 165 17.92 15.75 -9.36
N GLN A 166 17.88 15.42 -10.65
CA GLN A 166 17.32 16.29 -11.68
C GLN A 166 16.32 15.50 -12.50
N PRO A 167 15.08 16.02 -12.67
N PRO A 167 15.14 16.09 -12.82
CA PRO A 167 14.10 15.38 -13.54
CA PRO A 167 14.11 15.37 -13.54
C PRO A 167 14.58 15.03 -14.95
C PRO A 167 14.47 15.09 -15.00
N THR A 168 14.07 13.91 -15.45
CA THR A 168 14.20 13.49 -16.86
C THR A 168 13.14 14.19 -17.72
N TYR A 169 12.00 14.55 -17.14
CA TYR A 169 10.90 15.20 -17.89
C TYR A 169 10.12 16.06 -16.89
N ALA A 170 9.27 16.94 -17.40
CA ALA A 170 8.61 17.96 -16.59
C ALA A 170 7.83 17.29 -15.48
N PRO A 171 8.00 17.78 -14.24
CA PRO A 171 7.10 17.39 -13.16
C PRO A 171 5.63 17.54 -13.58
N GLY A 172 4.84 16.53 -13.26
CA GLY A 172 3.38 16.50 -13.48
C GLY A 172 2.98 15.85 -14.78
N SER A 173 3.92 15.35 -15.58
CA SER A 173 3.60 14.87 -16.95
C SER A 173 3.57 13.34 -17.08
N GLN A 174 4.46 12.62 -16.41
CA GLN A 174 4.60 11.16 -16.59
C GLN A 174 4.66 10.48 -15.24
N ARG A 175 3.93 9.39 -15.12
CA ARG A 175 3.98 8.51 -13.94
C ARG A 175 5.09 7.50 -14.11
N LEU A 176 5.99 7.41 -13.14
CA LEU A 176 7.00 6.33 -13.04
C LEU A 176 6.93 5.85 -11.60
N TYR A 177 6.33 4.69 -11.37
CA TYR A 177 6.11 4.17 -10.01
C TYR A 177 7.44 4.17 -9.25
N SER A 178 7.47 4.68 -8.02
CA SER A 178 8.76 5.04 -7.40
C SER A 178 8.69 5.10 -5.87
N ASN A 179 9.55 4.31 -5.23
CA ASN A 179 9.77 4.37 -3.78
C ASN A 179 10.37 5.71 -3.37
N PRO A 180 11.47 6.22 -3.96
CA PRO A 180 11.98 7.52 -3.53
C PRO A 180 10.93 8.63 -3.67
N SER A 181 10.02 8.52 -4.64
CA SER A 181 8.97 9.55 -4.82
C SER A 181 7.99 9.56 -3.64
N ILE A 182 7.23 8.49 -3.43
CA ILE A 182 6.22 8.48 -2.36
C ILE A 182 6.92 8.40 -0.98
N GLY A 183 8.14 7.85 -0.93
CA GLY A 183 8.93 7.85 0.30
C GLY A 183 9.17 9.28 0.75
N LEU A 184 9.61 10.13 -0.18
CA LEU A 184 9.84 11.53 0.21
C LEU A 184 8.50 12.20 0.60
N PHE A 185 7.41 11.90 -0.09
CA PHE A 185 6.08 12.40 0.31
C PHE A 185 5.81 12.07 1.79
N GLY A 186 5.99 10.81 2.18
CA GLY A 186 5.76 10.41 3.59
C GLY A 186 6.71 11.14 4.54
N TYR A 187 7.97 11.22 4.17
CA TYR A 187 9.02 11.87 5.00
CA TYR A 187 8.98 11.85 5.04
C TYR A 187 8.64 13.33 5.24
N LEU A 188 8.20 14.02 4.19
CA LEU A 188 7.85 15.45 4.29
C LEU A 188 6.54 15.62 5.05
N ALA A 189 5.57 14.72 4.87
CA ALA A 189 4.33 14.78 5.67
C ALA A 189 4.70 14.69 7.16
N ALA A 190 5.62 13.79 7.52
CA ALA A 190 6.08 13.64 8.93
C ALA A 190 6.73 14.95 9.37
N ARG A 191 7.60 15.53 8.55
CA ARG A 191 8.23 16.83 8.91
C ARG A 191 7.16 17.87 9.13
N SER A 192 6.11 17.91 8.32
CA SER A 192 5.04 18.92 8.46
C SER A 192 4.38 18.79 9.84
N LEU A 193 4.34 17.59 10.41
CA LEU A 193 3.75 17.29 11.74
C LEU A 193 4.81 17.39 12.84
N GLY A 194 6.08 17.65 12.50
CA GLY A 194 7.11 17.95 13.52
C GLY A 194 7.64 16.71 14.22
N GLN A 195 7.46 15.51 13.68
CA GLN A 195 7.96 14.29 14.36
C GLN A 195 8.46 13.30 13.31
N PRO A 196 9.33 12.37 13.67
CA PRO A 196 9.74 11.34 12.73
C PRO A 196 8.56 10.47 12.26
N PHE A 197 8.67 10.05 11.01
CA PHE A 197 7.64 9.24 10.33
C PHE A 197 7.30 7.98 11.14
N GLU A 198 8.31 7.23 11.56
CA GLU A 198 8.11 5.93 12.25
CA GLU A 198 8.04 5.92 12.22
CA GLU A 198 8.08 5.94 12.23
C GLU A 198 7.38 6.18 13.57
N ARG A 199 7.77 7.25 14.26
CA ARG A 199 7.14 7.58 15.56
CA ARG A 199 7.15 7.58 15.57
C ARG A 199 5.67 7.94 15.36
N LEU A 200 5.36 8.76 14.36
CA LEU A 200 3.96 9.16 14.11
C LEU A 200 3.14 7.92 13.81
N MET A 201 3.67 7.00 13.02
CA MET A 201 2.91 5.79 12.63
CA MET A 201 2.92 5.79 12.63
C MET A 201 2.61 4.97 13.89
N GLU A 202 3.63 4.72 14.72
CA GLU A 202 3.45 3.87 15.91
C GLU A 202 2.58 4.55 16.98
N GLN A 203 2.79 5.85 17.22
CA GLN A 203 2.20 6.53 18.40
C GLN A 203 0.85 7.13 18.04
N GLN A 204 0.59 7.44 16.77
CA GLN A 204 -0.67 8.14 16.43
CA GLN A 204 -0.63 8.19 16.36
C GLN A 204 -1.48 7.36 15.38
N VAL A 205 -0.89 6.93 14.26
CA VAL A 205 -1.72 6.38 13.15
C VAL A 205 -2.25 4.99 13.54
N PHE A 206 -1.37 4.06 13.89
CA PHE A 206 -1.84 2.69 14.18
C PHE A 206 -2.85 2.71 15.33
N PRO A 207 -2.63 3.44 16.45
CA PRO A 207 -3.66 3.47 17.49
C PRO A 207 -4.98 4.08 17.01
N ALA A 208 -4.95 5.13 16.21
CA ALA A 208 -6.18 5.79 15.73
C ALA A 208 -7.00 4.81 14.89
N LEU A 209 -6.35 3.89 14.18
CA LEU A 209 -7.01 2.94 13.28
C LEU A 209 -7.33 1.65 14.05
N GLY A 210 -6.96 1.55 15.32
CA GLY A 210 -7.27 0.37 16.14
C GLY A 210 -6.40 -0.84 15.81
N LEU A 211 -5.15 -0.62 15.39
CA LEU A 211 -4.26 -1.68 14.90
C LEU A 211 -3.18 -1.96 15.93
N GLU A 212 -3.30 -3.09 16.63
CA GLU A 212 -2.34 -3.52 17.68
C GLU A 212 -1.44 -4.64 17.18
N GLN A 213 -1.65 -5.15 15.95
CA GLN A 213 -0.83 -6.21 15.34
C GLN A 213 -0.19 -5.70 14.04
N THR A 214 0.13 -4.41 14.01
CA THR A 214 0.67 -3.75 12.82
C THR A 214 1.93 -3.00 13.23
N HIS A 215 3.02 -3.23 12.53
CA HIS A 215 4.35 -2.79 13.00
C HIS A 215 5.18 -2.27 11.84
N LEU A 216 6.04 -1.30 12.13
CA LEU A 216 7.21 -1.00 11.28
C LEU A 216 8.42 -1.80 11.76
N ASP A 217 8.51 -2.03 13.06
CA ASP A 217 9.66 -2.68 13.73
C ASP A 217 9.05 -3.71 14.66
N VAL A 218 9.01 -4.96 14.27
CA VAL A 218 8.24 -5.99 15.00
C VAL A 218 8.85 -6.16 16.38
N PRO A 219 8.08 -6.04 17.45
CA PRO A 219 8.64 -6.29 18.79
C PRO A 219 9.16 -7.71 18.94
N GLU A 220 10.21 -7.87 19.74
CA GLU A 220 10.77 -9.19 20.07
C GLU A 220 9.65 -10.10 20.57
N ALA A 221 8.71 -9.57 21.34
CA ALA A 221 7.65 -10.37 22.00
C ALA A 221 6.71 -10.97 20.96
N ALA A 222 6.66 -10.40 19.75
CA ALA A 222 5.75 -10.78 18.64
C ALA A 222 6.46 -11.60 17.56
N LEU A 223 7.75 -11.87 17.66
CA LEU A 223 8.50 -12.56 16.57
C LEU A 223 7.96 -13.96 16.31
N ALA A 224 7.38 -14.64 17.29
CA ALA A 224 6.83 -16.00 17.09
C ALA A 224 5.76 -15.95 16.00
N GLN A 225 5.10 -14.79 15.82
CA GLN A 225 4.02 -14.63 14.80
C GLN A 225 4.59 -14.25 13.44
N TYR A 226 5.84 -13.89 13.32
CA TYR A 226 6.41 -13.33 12.07
C TYR A 226 6.73 -14.49 11.13
N ALA A 227 5.98 -14.60 10.04
CA ALA A 227 6.24 -15.64 9.03
C ALA A 227 7.62 -15.49 8.44
N GLN A 228 8.18 -16.60 7.96
CA GLN A 228 9.38 -16.58 7.11
C GLN A 228 8.97 -16.26 5.67
N GLY A 229 9.79 -15.48 4.96
CA GLY A 229 9.61 -15.21 3.54
C GLY A 229 10.47 -16.14 2.72
N TYR A 230 10.02 -16.50 1.53
CA TYR A 230 10.74 -17.41 0.62
C TYR A 230 10.98 -16.69 -0.70
N GLY A 231 12.26 -16.52 -1.07
CA GLY A 231 12.69 -15.82 -2.29
C GLY A 231 12.49 -16.64 -3.53
N LYS A 232 12.76 -16.04 -4.71
CA LYS A 232 12.50 -16.64 -6.04
C LYS A 232 13.39 -17.88 -6.22
N ASP A 233 14.51 -17.92 -5.50
CA ASP A 233 15.42 -19.10 -5.33
C ASP A 233 14.78 -20.17 -4.44
N ASP A 234 13.83 -19.79 -3.56
CA ASP A 234 13.27 -20.63 -2.46
C ASP A 234 14.12 -20.45 -1.18
N ARG A 235 15.11 -19.54 -1.22
CA ARG A 235 15.96 -19.13 -0.08
C ARG A 235 15.15 -18.28 0.90
N PRO A 236 15.44 -18.33 2.22
CA PRO A 236 14.77 -17.48 3.21
C PRO A 236 15.14 -15.99 3.16
N LEU A 237 14.15 -15.13 3.36
CA LEU A 237 14.26 -13.66 3.20
C LEU A 237 13.21 -12.96 4.09
N ARG A 238 13.64 -12.22 5.12
CA ARG A 238 12.85 -11.09 5.66
C ARG A 238 13.57 -9.82 5.22
N VAL A 239 12.83 -8.72 5.13
CA VAL A 239 13.33 -7.50 4.45
C VAL A 239 14.49 -6.91 5.29
N GLY A 240 15.55 -6.45 4.61
CA GLY A 240 16.73 -5.78 5.21
C GLY A 240 16.55 -4.28 5.21
N PRO A 241 17.35 -3.50 5.96
CA PRO A 241 17.16 -2.05 6.02
C PRO A 241 17.46 -1.40 4.66
N GLY A 242 16.72 -0.33 4.38
CA GLY A 242 16.93 0.48 3.18
C GLY A 242 16.44 1.91 3.39
N PRO A 243 16.87 2.84 2.52
CA PRO A 243 16.48 4.23 2.66
C PRO A 243 14.95 4.43 2.51
N LEU A 244 14.38 5.17 3.44
CA LEU A 244 12.91 5.42 3.53
C LEU A 244 12.14 4.11 3.38
N ASP A 245 12.64 3.03 3.96
CA ASP A 245 11.94 1.74 3.89
C ASP A 245 10.60 1.83 4.65
N ALA A 246 10.50 2.52 5.76
CA ALA A 246 9.24 2.60 6.50
C ALA A 246 8.14 3.21 5.63
N GLU A 247 8.46 4.31 4.96
CA GLU A 247 7.48 5.05 4.12
C GLU A 247 7.07 4.22 2.89
N GLY A 248 8.01 3.50 2.31
CA GLY A 248 7.74 2.86 1.01
C GLY A 248 7.21 1.46 1.16
N HIS A 249 7.68 0.68 2.13
CA HIS A 249 7.44 -0.77 2.07
C HIS A 249 7.64 -1.48 3.41
N GLY A 250 7.60 -0.78 4.54
CA GLY A 250 8.12 -1.36 5.80
C GLY A 250 7.09 -2.02 6.71
N VAL A 251 5.79 -2.01 6.42
CA VAL A 251 4.77 -2.51 7.38
C VAL A 251 4.77 -4.04 7.41
N LYS A 252 4.67 -4.57 8.62
CA LYS A 252 4.34 -6.00 8.88
C LYS A 252 3.02 -6.02 9.63
N THR A 253 2.10 -6.88 9.20
CA THR A 253 0.77 -6.93 9.83
C THR A 253 0.17 -8.31 9.58
N SER A 254 -0.92 -8.56 10.27
CA SER A 254 -1.70 -9.80 10.16
C SER A 254 -2.82 -9.61 9.14
N ALA A 255 -3.42 -10.69 8.69
CA ALA A 255 -4.60 -10.59 7.80
C ALA A 255 -5.73 -9.91 8.59
N ALA A 256 -5.88 -10.23 9.87
CA ALA A 256 -6.95 -9.64 10.70
C ALA A 256 -6.74 -8.14 10.84
N ASP A 257 -5.53 -7.65 11.14
CA ASP A 257 -5.30 -6.19 11.27
C ASP A 257 -5.47 -5.57 9.90
N LEU A 258 -4.96 -6.15 8.85
CA LEU A 258 -5.07 -5.46 7.54
C LEU A 258 -6.55 -5.38 7.13
N LEU A 259 -7.37 -6.35 7.49
CA LEU A 259 -8.82 -6.23 7.21
C LEU A 259 -9.44 -5.15 8.10
N ARG A 260 -8.99 -4.95 9.33
CA ARG A 260 -9.48 -3.79 10.12
C ARG A 260 -9.16 -2.50 9.37
N PHE A 261 -8.00 -2.38 8.73
CA PHE A 261 -7.64 -1.18 7.96
C PHE A 261 -8.54 -1.07 6.72
N VAL A 262 -8.84 -2.18 6.07
CA VAL A 262 -9.82 -2.17 4.94
C VAL A 262 -11.18 -1.67 5.47
N ASP A 263 -11.63 -2.16 6.62
CA ASP A 263 -12.94 -1.76 7.16
C ASP A 263 -12.94 -0.28 7.53
N ALA A 264 -11.82 0.27 8.03
CA ALA A 264 -11.68 1.73 8.24
C ALA A 264 -11.83 2.46 6.91
N ASN A 265 -11.21 1.96 5.87
CA ASN A 265 -11.34 2.53 4.50
C ASN A 265 -12.77 2.45 3.98
N LEU A 266 -13.50 1.38 4.28
CA LEU A 266 -14.90 1.21 3.81
C LEU A 266 -15.83 2.14 4.61
N HIS A 267 -15.44 2.51 5.83
CA HIS A 267 -16.31 3.33 6.71
C HIS A 267 -15.52 4.40 7.43
N PRO A 268 -14.96 5.41 6.73
CA PRO A 268 -14.17 6.45 7.41
C PRO A 268 -15.00 7.16 8.49
N GLU A 269 -16.31 7.25 8.27
CA GLU A 269 -17.23 8.00 9.18
C GLU A 269 -17.27 7.36 10.56
N ARG A 270 -16.80 6.12 10.75
CA ARG A 270 -16.79 5.47 12.08
C ARG A 270 -15.61 5.95 12.91
N LEU A 271 -14.62 6.60 12.32
CA LEU A 271 -13.45 7.05 13.12
CA LEU A 271 -13.42 7.08 13.06
C LEU A 271 -13.70 8.49 13.59
N ASP A 272 -12.92 8.90 14.58
CA ASP A 272 -12.91 10.31 15.01
C ASP A 272 -12.56 11.19 13.80
N ARG A 273 -13.10 12.39 13.74
CA ARG A 273 -13.30 13.13 12.45
C ARG A 273 -11.97 13.43 11.75
N PRO A 274 -10.86 13.80 12.42
CA PRO A 274 -9.57 14.04 11.78
CA PRO A 274 -9.65 14.09 11.65
C PRO A 274 -9.11 12.81 11.01
N TRP A 275 -9.31 11.64 11.62
CA TRP A 275 -8.89 10.36 11.00
C TRP A 275 -9.87 9.96 9.89
N ALA A 276 -11.16 10.27 10.03
CA ALA A 276 -12.12 10.06 8.92
C ALA A 276 -11.63 10.89 7.72
N GLN A 277 -11.27 12.15 7.93
CA GLN A 277 -10.79 13.04 6.85
CA GLN A 277 -10.79 13.03 6.84
C GLN A 277 -9.48 12.48 6.26
N ALA A 278 -8.60 11.96 7.11
CA ALA A 278 -7.32 11.37 6.63
C ALA A 278 -7.60 10.21 5.67
N LEU A 279 -8.54 9.31 5.99
CA LEU A 279 -8.89 8.19 5.10
C LEU A 279 -9.55 8.74 3.85
N ASP A 280 -10.47 9.71 3.96
CA ASP A 280 -11.12 10.29 2.75
C ASP A 280 -10.07 10.84 1.77
N ALA A 281 -9.01 11.44 2.26
CA ALA A 281 -7.94 12.03 1.42
C ALA A 281 -7.28 10.94 0.57
N THR A 282 -7.36 9.67 0.95
CA THR A 282 -6.75 8.55 0.19
C THR A 282 -7.76 7.99 -0.82
N HIS A 283 -8.92 8.62 -0.94
CA HIS A 283 -10.00 8.16 -1.86
C HIS A 283 -10.33 9.22 -2.90
N ARG A 284 -9.29 9.91 -3.39
CA ARG A 284 -9.40 11.01 -4.34
C ARG A 284 -8.43 10.73 -5.50
N GLY A 285 -8.95 10.69 -6.71
CA GLY A 285 -8.12 10.37 -7.89
C GLY A 285 -7.67 11.62 -8.61
N TYR A 286 -6.44 11.67 -9.08
CA TYR A 286 -5.84 12.90 -9.64
C TYR A 286 -5.64 12.78 -11.15
N TYR A 287 -5.44 11.57 -11.66
CA TYR A 287 -5.22 11.34 -13.09
C TYR A 287 -5.50 9.88 -13.40
N LYS A 288 -5.58 9.56 -14.69
CA LYS A 288 -5.77 8.19 -15.17
C LYS A 288 -4.59 7.78 -16.05
N VAL A 289 -4.23 6.52 -15.91
CA VAL A 289 -3.34 5.81 -16.86
C VAL A 289 -4.08 4.53 -17.25
N GLY A 290 -4.44 4.40 -18.51
CA GLY A 290 -5.26 3.26 -18.95
C GLY A 290 -6.56 3.21 -18.15
N ASP A 291 -6.82 2.05 -17.58
CA ASP A 291 -8.06 1.84 -16.78
C ASP A 291 -7.90 2.27 -15.31
N MET A 292 -6.71 2.69 -14.91
CA MET A 292 -6.40 2.96 -13.48
C MET A 292 -6.47 4.45 -13.18
N THR A 293 -7.13 4.81 -12.09
CA THR A 293 -7.15 6.20 -11.56
C THR A 293 -6.30 6.23 -10.31
N GLN A 294 -5.32 7.10 -10.29
CA GLN A 294 -4.30 7.17 -9.21
C GLN A 294 -4.75 8.06 -8.07
N GLY A 295 -4.86 7.48 -6.87
CA GLY A 295 -5.07 8.23 -5.63
C GLY A 295 -3.78 8.38 -4.85
N LEU A 296 -3.91 8.79 -3.60
CA LEU A 296 -2.76 8.75 -2.65
C LEU A 296 -2.72 7.31 -2.12
N GLY A 297 -1.72 6.56 -2.52
CA GLY A 297 -1.60 5.14 -2.16
C GLY A 297 -2.49 4.24 -3.01
N TRP A 298 -3.80 4.38 -2.85
CA TRP A 298 -4.77 3.51 -3.56
C TRP A 298 -4.76 3.80 -5.06
N GLU A 299 -4.97 2.76 -5.82
CA GLU A 299 -5.18 2.77 -7.27
C GLU A 299 -6.58 2.21 -7.54
N ALA A 300 -7.36 2.86 -8.40
CA ALA A 300 -8.79 2.53 -8.54
C ALA A 300 -9.14 2.13 -9.98
N TYR A 301 -10.17 1.31 -10.07
CA TYR A 301 -10.75 0.86 -11.36
C TYR A 301 -12.26 0.98 -11.29
N ASP A 302 -12.89 1.14 -12.44
CA ASP A 302 -14.35 0.94 -12.52
C ASP A 302 -14.65 -0.51 -12.20
N TRP A 303 -15.81 -0.76 -11.61
CA TRP A 303 -16.20 -2.13 -11.20
C TRP A 303 -17.68 -2.29 -11.55
N PRO A 304 -18.06 -3.29 -12.36
CA PRO A 304 -17.17 -4.33 -12.85
C PRO A 304 -16.20 -3.92 -13.96
N ILE A 305 -15.14 -4.72 -14.10
CA ILE A 305 -14.16 -4.65 -15.20
C ILE A 305 -13.62 -6.07 -15.38
N SER A 306 -13.09 -6.40 -16.54
CA SER A 306 -12.57 -7.75 -16.78
C SER A 306 -11.35 -8.04 -15.91
N LEU A 307 -11.13 -9.31 -15.63
CA LEU A 307 -9.93 -9.76 -14.91
C LEU A 307 -8.69 -9.35 -15.71
N LYS A 308 -8.67 -9.57 -17.02
CA LYS A 308 -7.47 -9.22 -17.81
C LYS A 308 -7.17 -7.72 -17.64
N ARG A 309 -8.17 -6.85 -17.58
CA ARG A 309 -7.88 -5.40 -17.45
C ARG A 309 -7.32 -5.09 -16.05
N LEU A 310 -7.83 -5.76 -15.01
CA LEU A 310 -7.37 -5.52 -13.63
C LEU A 310 -5.94 -6.06 -13.53
N GLN A 311 -5.64 -7.18 -14.18
CA GLN A 311 -4.26 -7.68 -14.24
C GLN A 311 -3.37 -6.67 -14.98
N ALA A 312 -3.82 -6.15 -16.11
CA ALA A 312 -3.00 -5.22 -16.90
C ALA A 312 -2.69 -3.93 -16.11
N GLY A 313 -3.63 -3.44 -15.33
CA GLY A 313 -3.37 -2.25 -14.48
C GLY A 313 -2.34 -2.51 -13.41
N ASN A 314 -2.16 -3.77 -13.03
CA ASN A 314 -1.22 -4.21 -11.99
C ASN A 314 -0.04 -4.95 -12.64
N SER A 315 0.24 -4.66 -13.90
CA SER A 315 1.27 -5.41 -14.67
C SER A 315 2.68 -4.88 -14.39
N THR A 316 3.67 -5.63 -14.84
CA THR A 316 5.08 -5.23 -14.72
C THR A 316 5.33 -3.97 -15.52
N PRO A 317 4.89 -3.84 -16.79
CA PRO A 317 5.06 -2.59 -17.52
C PRO A 317 4.44 -1.37 -16.83
N MET A 318 3.30 -1.53 -16.17
CA MET A 318 2.67 -0.40 -15.44
CA MET A 318 2.66 -0.39 -15.46
C MET A 318 3.59 0.04 -14.31
N ALA A 319 4.25 -0.90 -13.64
CA ALA A 319 5.12 -0.63 -12.49
C ALA A 319 6.48 -0.07 -12.93
N LEU A 320 6.98 -0.46 -14.10
CA LEU A 320 8.42 -0.25 -14.43
C LEU A 320 8.64 0.80 -15.52
N GLN A 321 7.65 1.12 -16.34
CA GLN A 321 7.84 2.05 -17.47
C GLN A 321 7.11 3.35 -17.18
N PRO A 322 7.58 4.48 -17.73
CA PRO A 322 6.87 5.74 -17.59
C PRO A 322 5.62 5.71 -18.48
N HIS A 323 4.55 6.33 -17.99
CA HIS A 323 3.29 6.47 -18.75
C HIS A 323 2.83 7.92 -18.67
N ARG A 324 2.44 8.48 -19.79
CA ARG A 324 1.87 9.84 -19.81
CA ARG A 324 1.86 9.84 -19.82
C ARG A 324 0.52 9.82 -19.11
N ILE A 325 0.29 10.77 -18.24
CA ILE A 325 -0.96 10.77 -17.44
C ILE A 325 -2.05 11.55 -18.18
N ALA A 326 -3.30 11.22 -17.89
CA ALA A 326 -4.45 12.05 -18.30
C ALA A 326 -4.97 12.73 -17.03
N ARG A 327 -4.61 13.98 -16.81
CA ARG A 327 -4.92 14.69 -15.56
C ARG A 327 -6.42 14.96 -15.50
N LEU A 328 -7.02 14.78 -14.33
CA LEU A 328 -8.45 15.09 -14.13
C LEU A 328 -8.57 16.58 -13.83
N PRO A 329 -9.62 17.26 -14.33
CA PRO A 329 -9.80 18.69 -14.10
C PRO A 329 -10.05 19.04 -12.63
N ALA A 330 -10.62 18.08 -11.90
CA ALA A 330 -10.82 18.15 -10.44
C ALA A 330 -10.65 16.75 -9.90
N PRO A 331 -10.25 16.58 -8.63
CA PRO A 331 -10.04 15.25 -8.09
C PRO A 331 -11.37 14.47 -8.17
N GLN A 332 -11.28 13.20 -8.48
CA GLN A 332 -12.46 12.33 -8.61
C GLN A 332 -12.63 11.50 -7.32
N ALA A 333 -13.82 11.46 -6.77
CA ALA A 333 -14.09 10.63 -5.59
C ALA A 333 -13.95 9.15 -5.96
N LEU A 334 -13.12 8.42 -5.24
CA LEU A 334 -12.89 6.98 -5.50
C LEU A 334 -13.83 6.20 -4.60
N GLU A 335 -15.06 6.06 -5.06
CA GLU A 335 -16.18 5.50 -4.27
C GLU A 335 -17.18 4.89 -5.22
N GLY A 336 -18.22 4.28 -4.67
CA GLY A 336 -19.31 3.78 -5.52
C GLY A 336 -18.88 2.55 -6.31
N GLN A 337 -19.12 2.56 -7.62
CA GLN A 337 -18.90 1.39 -8.51
C GLN A 337 -17.42 1.36 -8.93
N ARG A 338 -16.58 1.11 -7.95
CA ARG A 338 -15.12 1.10 -8.13
C ARG A 338 -14.50 0.05 -7.25
N LEU A 339 -13.37 -0.44 -7.72
CA LEU A 339 -12.49 -1.29 -6.91
CA LEU A 339 -12.47 -1.32 -6.94
C LEU A 339 -11.21 -0.52 -6.63
N LEU A 340 -10.85 -0.37 -5.37
CA LEU A 340 -9.59 0.25 -4.95
C LEU A 340 -8.66 -0.88 -4.56
N ASN A 341 -7.40 -0.78 -4.95
CA ASN A 341 -6.46 -1.89 -4.68
C ASN A 341 -5.04 -1.38 -4.46
N LYS A 342 -4.22 -2.27 -3.93
CA LYS A 342 -2.77 -2.06 -3.91
C LYS A 342 -2.08 -3.40 -3.79
N THR A 343 -1.08 -3.59 -4.63
CA THR A 343 -0.11 -4.70 -4.53
C THR A 343 1.07 -4.29 -3.66
N GLY A 344 1.68 -5.25 -3.01
CA GLY A 344 2.92 -4.98 -2.29
C GLY A 344 3.75 -6.21 -2.15
N SER A 345 5.07 -6.06 -2.20
CA SER A 345 6.01 -7.18 -2.16
C SER A 345 7.26 -6.79 -1.39
N THR A 346 7.95 -7.82 -0.93
CA THR A 346 9.36 -7.76 -0.52
C THR A 346 10.02 -8.97 -1.15
N ASN A 347 11.30 -9.21 -0.85
CA ASN A 347 11.98 -10.31 -1.58
C ASN A 347 11.27 -11.65 -1.27
N GLY A 348 10.71 -11.80 -0.07
CA GLY A 348 10.11 -13.07 0.33
C GLY A 348 8.59 -13.07 0.48
N PHE A 349 7.90 -11.97 0.16
CA PHE A 349 6.46 -11.82 0.51
C PHE A 349 5.69 -11.16 -0.64
N GLY A 350 4.40 -11.48 -0.72
CA GLY A 350 3.50 -10.95 -1.75
C GLY A 350 2.11 -10.73 -1.17
N ALA A 351 1.71 -9.48 -1.14
CA ALA A 351 0.44 -9.02 -0.56
C ALA A 351 -0.45 -8.39 -1.62
N TYR A 352 -1.74 -8.42 -1.37
CA TYR A 352 -2.72 -7.72 -2.22
C TYR A 352 -3.92 -7.35 -1.36
N VAL A 353 -4.42 -6.14 -1.56
CA VAL A 353 -5.64 -5.66 -0.89
C VAL A 353 -6.56 -5.07 -1.95
N ALA A 354 -7.85 -5.34 -1.83
CA ALA A 354 -8.85 -4.73 -2.73
C ALA A 354 -10.14 -4.51 -1.97
N PHE A 355 -10.84 -3.44 -2.30
CA PHE A 355 -12.16 -3.22 -1.71
C PHE A 355 -13.05 -2.47 -2.67
N VAL A 356 -14.34 -2.63 -2.46
CA VAL A 356 -15.39 -2.07 -3.36
C VAL A 356 -16.25 -1.19 -2.48
N PRO A 357 -16.00 0.12 -2.43
CA PRO A 357 -16.74 0.99 -1.52
C PRO A 357 -18.26 0.86 -1.61
N GLY A 358 -18.79 0.81 -2.83
CA GLY A 358 -20.26 0.79 -3.05
C GLY A 358 -20.90 -0.54 -2.71
N ARG A 359 -20.14 -1.56 -2.34
CA ARG A 359 -20.71 -2.88 -1.99
C ARG A 359 -20.30 -3.29 -0.58
N ASP A 360 -19.58 -2.47 0.18
CA ASP A 360 -19.18 -2.81 1.57
C ASP A 360 -18.43 -4.15 1.56
N LEU A 361 -17.54 -4.31 0.60
CA LEU A 361 -16.80 -5.60 0.34
CA LEU A 361 -16.82 -5.57 0.31
C LEU A 361 -15.32 -5.30 0.40
N GLY A 362 -14.58 -6.13 1.12
CA GLY A 362 -13.12 -5.96 1.17
C GLY A 362 -12.40 -7.27 1.26
N LEU A 363 -11.16 -7.30 0.82
CA LEU A 363 -10.36 -8.53 0.63
CA LEU A 363 -10.40 -8.53 0.96
C LEU A 363 -8.91 -8.24 0.99
N VAL A 364 -8.27 -9.13 1.73
CA VAL A 364 -6.80 -9.12 1.95
C VAL A 364 -6.28 -10.49 1.60
N ILE A 365 -5.18 -10.55 0.87
CA ILE A 365 -4.47 -11.82 0.57
C ILE A 365 -2.99 -11.63 0.89
N LEU A 366 -2.49 -12.29 1.92
CA LEU A 366 -1.07 -12.16 2.34
C LEU A 366 -0.38 -13.49 2.13
N ALA A 367 0.78 -13.49 1.50
CA ALA A 367 1.55 -14.72 1.24
C ALA A 367 3.02 -14.49 1.57
N ASN A 368 3.71 -15.60 1.85
CA ASN A 368 5.16 -15.60 2.13
C ASN A 368 5.93 -16.08 0.89
N ARG A 369 5.51 -15.68 -0.29
CA ARG A 369 6.32 -15.71 -1.52
C ARG A 369 5.97 -14.47 -2.33
N ASN A 370 6.94 -13.84 -2.96
CA ASN A 370 6.70 -12.78 -3.96
C ASN A 370 6.28 -13.46 -5.26
N TYR A 371 4.99 -13.75 -5.39
CA TYR A 371 4.40 -14.41 -6.57
C TYR A 371 3.75 -13.34 -7.45
N PRO A 372 3.60 -13.57 -8.77
CA PRO A 372 3.25 -12.48 -9.66
C PRO A 372 1.94 -11.78 -9.29
N ASN A 373 1.93 -10.46 -9.42
CA ASN A 373 0.71 -9.64 -9.21
C ASN A 373 -0.46 -10.27 -9.95
N ALA A 374 -0.26 -10.74 -11.17
CA ALA A 374 -1.37 -11.25 -11.99
C ALA A 374 -2.08 -12.39 -11.22
N GLU A 375 -1.33 -13.22 -10.51
CA GLU A 375 -1.87 -14.38 -9.76
C GLU A 375 -2.61 -13.91 -8.52
N ARG A 376 -2.12 -12.87 -7.84
CA ARG A 376 -2.82 -12.27 -6.68
C ARG A 376 -4.19 -11.78 -7.15
N VAL A 377 -4.21 -11.08 -8.26
CA VAL A 377 -5.45 -10.49 -8.83
C VAL A 377 -6.40 -11.62 -9.27
N LYS A 378 -5.85 -12.71 -9.80
CA LYS A 378 -6.70 -13.86 -10.19
CA LYS A 378 -6.63 -13.93 -10.17
C LYS A 378 -7.42 -14.44 -8.96
N ILE A 379 -6.74 -14.59 -7.81
CA ILE A 379 -7.42 -15.09 -6.61
C ILE A 379 -8.51 -14.08 -6.25
N ALA A 380 -8.12 -12.82 -6.12
CA ALA A 380 -9.02 -11.78 -5.61
C ALA A 380 -10.27 -11.72 -6.49
N TYR A 381 -10.10 -11.77 -7.82
CA TYR A 381 -11.21 -11.59 -8.79
C TYR A 381 -12.22 -12.72 -8.62
N ALA A 382 -11.73 -13.94 -8.46
CA ALA A 382 -12.59 -15.13 -8.26
C ALA A 382 -13.42 -14.94 -6.99
N ILE A 383 -12.80 -14.48 -5.92
CA ILE A 383 -13.52 -14.30 -4.64
C ILE A 383 -14.52 -13.16 -4.81
N LEU A 384 -14.09 -11.99 -5.28
CA LEU A 384 -14.98 -10.81 -5.36
C LEU A 384 -16.15 -11.09 -6.31
N SER A 385 -15.93 -11.81 -7.41
CA SER A 385 -16.97 -12.18 -8.39
C SER A 385 -17.99 -13.12 -7.76
N GLY A 386 -17.55 -14.05 -6.90
CA GLY A 386 -18.41 -15.02 -6.19
C GLY A 386 -19.12 -14.44 -4.99
N LEU A 387 -18.62 -13.36 -4.38
CA LEU A 387 -19.37 -12.64 -3.31
C LEU A 387 -20.47 -11.82 -4.00
N GLU A 388 -20.15 -11.24 -5.18
CA GLU A 388 -21.09 -10.55 -6.12
C GLU A 388 -21.69 -9.31 -5.44
N1 IMD B . 9.26 4.85 -22.09
C2 IMD B . 10.51 4.78 -21.60
N3 IMD B . 10.78 3.51 -21.45
C4 IMD B . 9.67 2.75 -21.74
C5 IMD B . 8.73 3.60 -22.15
B1 ZXM C . 6.27 -2.39 -3.91
O1 ZXM C . 5.59 -2.00 -5.05
O2 ZXM C . 5.85 -3.59 -3.35
N4 ZXM C . 8.44 -3.78 -5.76
N5 ZXM C . 7.36 -4.59 -5.64
N6 ZXM C . 7.70 -5.76 -6.16
C7 ZXM C . 7.84 -2.12 -3.87
C8 ZXM C . 8.41 -2.38 -5.28
N10 ZXM C . 8.48 -2.99 -2.87
C11 ZXM C . 9.75 -2.85 -2.48
C12 ZXM C . 10.32 -3.86 -1.52
C13 ZXM C . 11.00 -4.85 -2.43
C13 ZXM C . 11.13 -4.94 -2.17
C14 ZXM C . 12.32 -4.77 -2.89
C14 ZXM C . 10.90 -5.62 -3.37
C15 ZXM C . 12.40 -5.39 -4.17
C15 ZXM C . 11.80 -6.75 -3.51
C16 ZXM C . 11.41 -6.29 -4.37
C16 ZXM C . 12.75 -6.77 -2.53
O18 ZXM C . 10.48 -1.96 -2.96
C19 ZXM C . 8.97 -5.69 -6.62
C20 ZXM C . 9.44 -4.44 -6.36
C21 ZXM C . 9.61 -6.87 -7.25
O22 ZXM C . 10.78 -6.74 -7.57
O23 ZXM C . 8.92 -7.87 -7.43
S24 ZXM C . 10.12 -6.05 -3.28
S24 ZXM C . 12.59 -5.47 -1.45
N1 IMD D . 4.46 21.96 -11.67
C2 IMD D . 5.12 21.34 -10.67
N3 IMD D . 4.52 20.18 -10.45
C4 IMD D . 3.56 19.99 -11.41
C5 IMD D . 3.37 21.18 -12.02
S DMS E . -14.46 11.79 0.06
O DMS E . -13.79 13.12 -0.03
C1 DMS E . -13.73 10.84 -1.24
C2 DMS E . -16.01 12.01 -0.77
S DMS F . 8.13 -5.36 -10.75
O DMS F . 9.20 -4.92 -9.80
C1 DMS F . 6.63 -5.47 -9.81
C2 DMS F . 8.40 -7.09 -11.02
S DMS G . 6.98 -5.08 -10.94
O DMS G . 5.49 -5.06 -10.67
C1 DMS G . 7.51 -6.69 -10.41
C2 DMS G . 7.69 -4.14 -9.62
#